data_1AB9
#
_entry.id   1AB9
#
_cell.length_a   69.520
_cell.length_b   69.520
_cell.length_c   97.810
_cell.angle_alpha   90.00
_cell.angle_beta   90.00
_cell.angle_gamma   90.00
#
_symmetry.space_group_name_H-M   'P 42 21 2'
#
loop_
_entity.id
_entity.type
_entity.pdbx_description
1 polymer GAMMA-CHYMOTRYPSIN
2 polymer GAMMA-CHYMOTRYPSIN
3 polymer GAMMA-CHYMOTRYPSIN
4 polymer 'PENTAPEPTIDE (TPGVY)'
5 non-polymer 'SULFATE ION'
6 water water
#
loop_
_entity_poly.entity_id
_entity_poly.type
_entity_poly.pdbx_seq_one_letter_code
_entity_poly.pdbx_strand_id
1 'polypeptide(L)' CGVPAIQPVLSGL A
2 'polypeptide(L)'
;IVNGEEAVPGSWPWQVSLQDKTGFHFCGGSLINENWVVTAAHCGVTTSDVVVAGEFDQGSSSEKIQKLKIAKVFKNSKYN
SLTINNDITLLKLSTAASFSQTVSAVCLPSASDDFAAGTTCVTTGWGLTRY
;
B
3 'polypeptide(L)'
;ANTPDRLQQASLPLLSNTNCKKYWGTKIKDAMICAGASGVSSCMGDSGGPLVCKKNGAWTLVGIVSWGSSTCSTSTPGVY
ARVTALVNWVQQTLAAN
;
C
4 'polypeptide(L)' TPGVY D
#
loop_
_chem_comp.id
_chem_comp.type
_chem_comp.name
_chem_comp.formula
SO4 non-polymer 'SULFATE ION' 'O4 S -2'
#
# COMPACT_ATOMS: atom_id res chain seq x y z
N CYS A 1 4.28 -0.90 -17.07
CA CYS A 1 3.78 -1.02 -15.67
C CYS A 1 2.28 -1.27 -15.61
N GLY A 2 1.81 -1.68 -14.44
CA GLY A 2 0.40 -1.89 -14.19
C GLY A 2 -0.41 -2.92 -14.96
N VAL A 3 0.24 -3.83 -15.67
CA VAL A 3 -0.47 -4.85 -16.43
C VAL A 3 0.05 -6.22 -15.96
N PRO A 4 -0.63 -6.83 -14.98
CA PRO A 4 -0.24 -8.14 -14.44
C PRO A 4 -0.27 -9.23 -15.49
N ALA A 5 0.68 -10.16 -15.41
CA ALA A 5 0.72 -11.29 -16.35
C ALA A 5 -0.40 -12.26 -16.01
N ILE A 6 -0.71 -12.35 -14.71
CA ILE A 6 -1.79 -13.21 -14.21
C ILE A 6 -2.89 -12.22 -13.84
N GLN A 7 -3.99 -12.28 -14.58
CA GLN A 7 -5.10 -11.35 -14.34
C GLN A 7 -5.85 -11.56 -13.04
N PRO A 8 -6.06 -10.45 -12.30
CA PRO A 8 -6.78 -10.55 -11.04
C PRO A 8 -8.26 -10.78 -11.32
N VAL A 9 -8.93 -11.53 -10.45
CA VAL A 9 -10.35 -11.80 -10.59
C VAL A 9 -11.01 -11.16 -9.37
N LEU A 10 -11.86 -10.17 -9.63
CA LEU A 10 -12.51 -9.41 -8.55
C LEU A 10 -13.96 -9.83 -8.34
N ILE B 1 -6.99 -6.87 5.74
CA ILE B 1 -8.26 -6.37 5.14
C ILE B 1 -9.45 -7.12 5.74
N VAL B 2 -10.42 -6.37 6.26
CA VAL B 2 -11.62 -6.94 6.85
C VAL B 2 -12.70 -7.06 5.78
N ASN B 3 -13.27 -8.25 5.67
CA ASN B 3 -14.33 -8.54 4.70
C ASN B 3 -13.87 -8.55 3.25
N GLY B 4 -12.58 -8.83 3.05
CA GLY B 4 -12.04 -8.91 1.71
C GLY B 4 -12.11 -10.35 1.26
N GLU B 5 -11.34 -10.69 0.24
CA GLU B 5 -11.34 -12.05 -0.27
C GLU B 5 -9.92 -12.44 -0.67
N GLU B 6 -9.69 -13.73 -0.77
CA GLU B 6 -8.39 -14.25 -1.15
C GLU B 6 -8.13 -13.86 -2.62
N ALA B 7 -6.93 -13.40 -2.91
CA ALA B 7 -6.58 -13.01 -4.26
C ALA B 7 -6.10 -14.19 -5.08
N VAL B 8 -6.13 -14.05 -6.41
CA VAL B 8 -5.62 -15.12 -7.28
C VAL B 8 -4.11 -15.00 -7.11
N PRO B 9 -3.44 -16.10 -6.78
CA PRO B 9 -1.98 -16.03 -6.61
C PRO B 9 -1.21 -15.34 -7.72
N GLY B 10 -0.38 -14.36 -7.35
CA GLY B 10 0.43 -13.64 -8.31
C GLY B 10 -0.28 -12.58 -9.15
N SER B 11 -1.55 -12.32 -8.87
CA SER B 11 -2.32 -11.35 -9.64
C SER B 11 -2.06 -9.87 -9.27
N TRP B 12 -1.33 -9.64 -8.19
CA TRP B 12 -0.98 -8.29 -7.76
C TRP B 12 0.54 -8.38 -7.63
N PRO B 13 1.25 -8.49 -8.78
CA PRO B 13 2.70 -8.61 -8.86
C PRO B 13 3.61 -7.59 -8.20
N TRP B 14 3.08 -6.40 -7.94
CA TRP B 14 3.87 -5.35 -7.29
C TRP B 14 3.78 -5.40 -5.77
N GLN B 15 2.82 -6.14 -5.25
CA GLN B 15 2.63 -6.25 -3.81
C GLN B 15 3.80 -6.95 -3.13
N VAL B 16 4.47 -6.26 -2.22
CA VAL B 16 5.56 -6.86 -1.48
C VAL B 16 5.22 -6.87 0.01
N SER B 17 5.92 -7.73 0.75
CA SER B 17 5.75 -7.85 2.19
C SER B 17 7.03 -7.35 2.83
N LEU B 18 6.89 -6.50 3.85
CA LEU B 18 8.06 -6.00 4.56
C LEU B 18 8.11 -6.80 5.87
N GLN B 19 9.20 -7.52 6.05
CA GLN B 19 9.39 -8.35 7.23
C GLN B 19 10.63 -7.96 8.01
N ASP B 20 10.58 -8.09 9.33
CA ASP B 20 11.75 -7.77 10.13
C ASP B 20 12.65 -9.01 10.15
N LYS B 21 13.79 -8.93 10.85
CA LYS B 21 14.70 -10.07 10.87
C LYS B 21 14.13 -11.37 11.41
N THR B 22 13.09 -11.30 12.23
CA THR B 22 12.47 -12.49 12.80
C THR B 22 11.51 -13.21 11.83
N GLY B 23 11.22 -12.56 10.69
CA GLY B 23 10.31 -13.11 9.70
C GLY B 23 8.89 -12.63 9.86
N PHE B 24 8.71 -11.65 10.75
CA PHE B 24 7.39 -11.08 11.03
C PHE B 24 6.98 -10.03 10.00
N HIS B 25 5.82 -10.22 9.36
CA HIS B 25 5.28 -9.25 8.38
C HIS B 25 4.71 -8.07 9.15
N PHE B 26 5.22 -6.87 8.91
CA PHE B 26 4.71 -5.71 9.61
C PHE B 26 4.09 -4.63 8.73
N CYS B 27 4.33 -4.69 7.43
CA CYS B 27 3.79 -3.70 6.51
C CYS B 27 3.84 -4.20 5.07
N GLY B 28 3.09 -3.54 4.20
CA GLY B 28 3.09 -3.89 2.80
C GLY B 28 3.89 -2.83 2.05
N GLY B 29 4.02 -3.01 0.74
CA GLY B 29 4.74 -2.05 -0.08
C GLY B 29 4.45 -2.38 -1.54
N SER B 30 4.84 -1.50 -2.46
CA SER B 30 4.61 -1.73 -3.88
C SER B 30 5.89 -1.46 -4.68
N LEU B 31 6.22 -2.37 -5.58
CA LEU B 31 7.37 -2.21 -6.45
C LEU B 31 6.98 -1.20 -7.53
N ILE B 32 7.83 -0.20 -7.76
CA ILE B 32 7.55 0.78 -8.82
C ILE B 32 8.54 0.58 -9.99
N ASN B 33 9.54 -0.25 -9.73
CA ASN B 33 10.55 -0.66 -10.71
C ASN B 33 11.44 -1.71 -10.03
N GLU B 34 12.42 -2.23 -10.75
CA GLU B 34 13.28 -3.27 -10.19
C GLU B 34 14.11 -2.91 -8.97
N ASN B 35 14.37 -1.63 -8.77
CA ASN B 35 15.22 -1.19 -7.66
C ASN B 35 14.55 -0.39 -6.57
N TRP B 36 13.25 -0.10 -6.72
CA TRP B 36 12.56 0.74 -5.76
C TRP B 36 11.20 0.24 -5.30
N VAL B 37 10.95 0.43 -4.01
CA VAL B 37 9.70 0.03 -3.40
C VAL B 37 9.13 1.24 -2.66
N VAL B 38 7.83 1.47 -2.84
CA VAL B 38 7.14 2.56 -2.17
C VAL B 38 6.35 1.95 -1.00
N THR B 39 6.44 2.58 0.17
CA THR B 39 5.71 2.12 1.35
C THR B 39 5.34 3.36 2.18
N ALA B 40 4.81 3.12 3.38
CA ALA B 40 4.41 4.22 4.26
C ALA B 40 5.58 4.60 5.16
N ALA B 41 5.77 5.90 5.35
CA ALA B 41 6.84 6.36 6.23
C ALA B 41 6.66 5.89 7.68
N HIS B 42 5.41 5.81 8.15
CA HIS B 42 5.18 5.38 9.53
C HIS B 42 5.54 3.92 9.80
N CYS B 43 5.78 3.13 8.75
CA CYS B 43 6.15 1.74 8.92
C CYS B 43 7.52 1.63 9.62
N GLY B 44 8.30 2.70 9.60
CA GLY B 44 9.59 2.73 10.27
C GLY B 44 10.58 1.68 9.81
N VAL B 45 10.67 1.50 8.51
CA VAL B 45 11.58 0.52 7.93
C VAL B 45 13.04 0.90 8.20
N THR B 46 13.89 -0.11 8.40
CA THR B 46 15.32 0.11 8.62
C THR B 46 16.03 -0.79 7.61
N THR B 47 17.34 -0.62 7.47
CA THR B 47 18.11 -1.44 6.54
C THR B 47 18.26 -2.90 7.01
N SER B 48 17.73 -3.20 8.19
CA SER B 48 17.77 -4.57 8.75
C SER B 48 16.54 -5.35 8.33
N ASP B 49 15.52 -4.65 7.83
CA ASP B 49 14.29 -5.28 7.39
C ASP B 49 14.45 -5.83 5.97
N VAL B 50 13.57 -6.74 5.59
CA VAL B 50 13.62 -7.39 4.28
C VAL B 50 12.37 -7.20 3.46
N VAL B 51 12.54 -7.01 2.15
CA VAL B 51 11.43 -6.87 1.20
C VAL B 51 11.24 -8.26 0.58
N VAL B 52 10.03 -8.79 0.68
CA VAL B 52 9.74 -10.11 0.12
C VAL B 52 8.80 -9.92 -1.08
N ALA B 53 9.27 -10.33 -2.26
CA ALA B 53 8.49 -10.20 -3.48
C ALA B 53 8.09 -11.58 -4.02
N GLY B 54 6.98 -11.63 -4.76
CA GLY B 54 6.50 -12.87 -5.34
C GLY B 54 5.79 -13.81 -4.40
N GLU B 55 5.44 -13.31 -3.22
CA GLU B 55 4.77 -14.12 -2.22
C GLU B 55 3.24 -14.04 -2.28
N PHE B 56 2.59 -15.16 -1.99
CA PHE B 56 1.13 -15.24 -1.96
C PHE B 56 0.71 -15.79 -0.60
N ASP B 57 1.26 -16.96 -0.27
CA ASP B 57 0.97 -17.66 0.98
C ASP B 57 2.22 -17.59 1.86
N GLN B 58 2.17 -16.78 2.91
CA GLN B 58 3.30 -16.62 3.80
C GLN B 58 3.56 -17.87 4.64
N GLY B 59 2.62 -18.81 4.60
CA GLY B 59 2.77 -20.06 5.33
C GLY B 59 3.42 -21.14 4.48
N SER B 60 3.59 -20.86 3.20
CA SER B 60 4.18 -21.81 2.27
C SER B 60 5.70 -21.76 2.23
N SER B 61 6.32 -22.92 2.06
CA SER B 61 7.76 -23.03 1.97
C SER B 61 8.15 -23.37 0.53
N SER B 62 7.15 -23.57 -0.33
CA SER B 62 7.40 -23.95 -1.71
C SER B 62 7.25 -22.85 -2.76
N GLU B 63 7.01 -21.62 -2.33
CA GLU B 63 6.90 -20.53 -3.29
C GLU B 63 8.30 -20.00 -3.64
N LYS B 64 8.50 -19.65 -4.90
CA LYS B 64 9.78 -19.11 -5.34
C LYS B 64 9.75 -17.61 -5.11
N ILE B 65 9.93 -17.22 -3.86
CA ILE B 65 9.92 -15.82 -3.47
C ILE B 65 11.30 -15.20 -3.59
N GLN B 66 11.35 -13.88 -3.56
CA GLN B 66 12.61 -13.16 -3.64
C GLN B 66 12.76 -12.32 -2.38
N LYS B 67 13.77 -12.63 -1.58
CA LYS B 67 14.06 -11.87 -0.36
C LYS B 67 15.11 -10.84 -0.74
N LEU B 68 14.72 -9.58 -0.77
CA LEU B 68 15.63 -8.51 -1.15
C LEU B 68 16.07 -7.64 0.01
N LYS B 69 17.36 -7.30 0.03
CA LYS B 69 17.92 -6.47 1.07
C LYS B 69 17.70 -5.01 0.73
N ILE B 70 17.61 -4.17 1.75
CA ILE B 70 17.40 -2.74 1.54
C ILE B 70 18.72 -1.98 1.70
N ALA B 71 19.07 -1.19 0.69
CA ALA B 71 20.29 -0.39 0.70
C ALA B 71 20.11 0.93 1.45
N LYS B 72 19.04 1.66 1.14
CA LYS B 72 18.77 2.96 1.76
C LYS B 72 17.29 3.23 1.96
N VAL B 73 16.97 3.95 3.02
CA VAL B 73 15.59 4.31 3.33
C VAL B 73 15.43 5.83 3.11
N PHE B 74 14.53 6.20 2.21
CA PHE B 74 14.29 7.60 1.90
C PHE B 74 12.91 8.03 2.39
N LYS B 75 12.86 8.60 3.59
CA LYS B 75 11.63 9.07 4.19
C LYS B 75 11.36 10.48 3.64
N ASN B 76 10.18 10.73 3.10
CA ASN B 76 9.83 12.04 2.55
C ASN B 76 10.08 13.11 3.62
N SER B 77 10.87 14.13 3.29
CA SER B 77 11.19 15.18 4.25
C SER B 77 9.98 15.93 4.80
N LYS B 78 8.87 15.86 4.07
CA LYS B 78 7.64 16.52 4.49
C LYS B 78 6.76 15.64 5.39
N TYR B 79 7.23 14.43 5.67
CA TYR B 79 6.47 13.53 6.55
C TYR B 79 6.30 14.16 7.92
N ASN B 80 5.07 14.18 8.41
CA ASN B 80 4.76 14.73 9.71
C ASN B 80 4.25 13.60 10.59
N SER B 81 5.09 13.15 11.52
CA SER B 81 4.73 12.05 12.40
C SER B 81 3.58 12.36 13.36
N LEU B 82 3.35 13.64 13.63
CA LEU B 82 2.30 14.03 14.55
C LEU B 82 0.91 13.93 13.92
N THR B 83 0.83 14.21 12.62
CA THR B 83 -0.44 14.16 11.92
C THR B 83 -0.51 13.00 10.92
N ILE B 84 0.63 12.31 10.75
CA ILE B 84 0.77 11.18 9.81
C ILE B 84 0.51 11.66 8.37
N ASN B 85 0.80 12.93 8.10
CA ASN B 85 0.61 13.48 6.77
C ASN B 85 1.88 13.28 5.91
N ASN B 86 1.69 13.11 4.60
CA ASN B 86 2.79 12.87 3.66
C ASN B 86 3.49 11.57 4.07
N ASP B 87 2.65 10.57 4.34
CA ASP B 87 3.08 9.26 4.81
C ASP B 87 3.65 8.36 3.70
N ILE B 88 4.85 8.69 3.27
CA ILE B 88 5.50 7.92 2.22
C ILE B 88 7.02 7.81 2.40
N THR B 89 7.54 6.63 2.07
CA THR B 89 8.94 6.32 2.15
C THR B 89 9.29 5.46 0.94
N LEU B 90 10.46 5.73 0.38
CA LEU B 90 10.98 4.98 -0.75
C LEU B 90 12.12 4.13 -0.21
N LEU B 91 12.21 2.89 -0.69
CA LEU B 91 13.26 1.99 -0.29
C LEU B 91 14.06 1.62 -1.53
N LYS B 92 15.35 1.90 -1.52
CA LYS B 92 16.19 1.51 -2.64
C LYS B 92 16.75 0.14 -2.28
N LEU B 93 16.55 -0.83 -3.16
CA LEU B 93 17.01 -2.19 -2.92
C LEU B 93 18.50 -2.38 -3.20
N SER B 94 19.13 -3.21 -2.37
CA SER B 94 20.54 -3.53 -2.48
C SER B 94 20.70 -4.39 -3.73
N THR B 95 19.76 -5.31 -3.90
CA THR B 95 19.75 -6.21 -5.04
C THR B 95 18.43 -6.01 -5.79
N ALA B 96 18.53 -5.77 -7.09
CA ALA B 96 17.34 -5.55 -7.91
C ALA B 96 16.44 -6.78 -7.96
N ALA B 97 15.14 -6.52 -7.96
CA ALA B 97 14.15 -7.58 -8.03
C ALA B 97 14.23 -8.12 -9.46
N SER B 98 13.88 -9.38 -9.64
CA SER B 98 13.90 -10.00 -10.95
C SER B 98 12.44 -10.09 -11.36
N PHE B 99 12.05 -9.31 -12.35
CA PHE B 99 10.66 -9.31 -12.80
C PHE B 99 10.33 -10.61 -13.52
N SER B 100 9.11 -11.07 -13.31
CA SER B 100 8.64 -12.33 -13.89
C SER B 100 7.12 -12.21 -13.99
N GLN B 101 6.45 -13.35 -14.16
CA GLN B 101 5.00 -13.33 -14.24
C GLN B 101 4.38 -12.90 -12.92
N THR B 102 5.06 -13.17 -11.81
CA THR B 102 4.51 -12.83 -10.50
C THR B 102 5.15 -11.62 -9.82
N VAL B 103 6.15 -11.02 -10.47
CA VAL B 103 6.83 -9.86 -9.89
C VAL B 103 6.99 -8.79 -10.96
N SER B 104 6.32 -7.66 -10.77
CA SER B 104 6.39 -6.56 -11.71
C SER B 104 5.95 -5.24 -11.05
N ALA B 105 6.00 -4.15 -11.79
CA ALA B 105 5.70 -2.84 -11.23
C ALA B 105 4.32 -2.26 -11.44
N VAL B 106 3.90 -1.44 -10.47
CA VAL B 106 2.60 -0.75 -10.57
C VAL B 106 2.92 0.60 -11.21
N CYS B 107 1.96 1.20 -11.89
CA CYS B 107 2.17 2.50 -12.50
C CYS B 107 1.98 3.60 -11.49
N LEU B 108 2.64 4.73 -11.74
CA LEU B 108 2.51 5.91 -10.89
C LEU B 108 1.69 6.91 -11.69
N PRO B 109 0.89 7.74 -11.00
CA PRO B 109 0.07 8.72 -11.73
C PRO B 109 0.82 10.03 -11.96
N SER B 110 0.26 10.88 -12.80
CA SER B 110 0.85 12.20 -13.03
C SER B 110 0.27 13.03 -11.88
N ALA B 111 0.97 14.07 -11.46
CA ALA B 111 0.51 14.92 -10.36
C ALA B 111 -0.89 15.48 -10.60
N SER B 112 -1.24 15.70 -11.86
CA SER B 112 -2.57 16.25 -12.20
C SER B 112 -3.65 15.21 -12.46
N ASP B 113 -3.33 13.92 -12.34
CA ASP B 113 -4.34 12.90 -12.58
C ASP B 113 -5.51 13.09 -11.62
N ASP B 114 -6.71 12.88 -12.15
CA ASP B 114 -7.93 13.03 -11.37
C ASP B 114 -8.60 11.68 -11.15
N PHE B 115 -8.84 11.35 -9.89
CA PHE B 115 -9.49 10.10 -9.51
C PHE B 115 -10.70 10.50 -8.70
N ALA B 116 -11.83 10.56 -9.40
CA ALA B 116 -13.12 10.98 -8.83
C ALA B 116 -13.70 10.15 -7.72
N ALA B 117 -14.39 10.82 -6.79
CA ALA B 117 -15.06 10.14 -5.69
C ALA B 117 -16.11 9.25 -6.37
N GLY B 118 -16.33 8.07 -5.81
CA GLY B 118 -17.30 7.14 -6.39
C GLY B 118 -16.62 6.06 -7.21
N THR B 119 -15.41 6.35 -7.69
CA THR B 119 -14.65 5.38 -8.48
C THR B 119 -14.33 4.19 -7.60
N THR B 120 -14.47 2.99 -8.13
CA THR B 120 -14.18 1.78 -7.40
C THR B 120 -12.74 1.34 -7.67
N CYS B 121 -11.96 1.26 -6.60
CA CYS B 121 -10.56 0.86 -6.71
C CYS B 121 -10.34 -0.41 -5.90
N VAL B 122 -9.09 -0.83 -5.79
CA VAL B 122 -8.76 -2.06 -5.09
C VAL B 122 -7.58 -1.86 -4.14
N THR B 123 -7.65 -2.49 -2.98
CA THR B 123 -6.55 -2.45 -2.04
C THR B 123 -6.24 -3.90 -1.70
N THR B 124 -4.96 -4.19 -1.45
CA THR B 124 -4.53 -5.55 -1.15
C THR B 124 -3.59 -5.57 0.05
N GLY B 125 -3.41 -6.76 0.65
CA GLY B 125 -2.50 -6.86 1.76
C GLY B 125 -2.72 -8.07 2.66
N TRP B 126 -1.80 -8.28 3.58
CA TRP B 126 -1.84 -9.38 4.55
C TRP B 126 -2.20 -8.86 5.93
N GLY B 127 -2.90 -7.73 5.99
CA GLY B 127 -3.30 -7.17 7.27
C GLY B 127 -4.41 -7.99 7.90
N LEU B 128 -4.74 -7.66 9.15
CA LEU B 128 -5.79 -8.36 9.90
C LEU B 128 -7.10 -8.46 9.13
N THR B 129 -7.75 -9.61 9.21
CA THR B 129 -9.02 -9.85 8.55
C THR B 129 -10.15 -9.63 9.56
N ARG B 130 -9.78 -9.62 10.83
CA ARG B 130 -10.72 -9.42 11.94
C ARG B 130 -9.91 -8.74 13.04
N TYR B 131 -10.52 -7.81 13.76
CA TYR B 131 -9.84 -7.15 14.85
C TYR B 131 -10.32 -7.77 16.16
N ASN C 2 -3.26 -11.38 14.42
CA ASN C 2 -2.74 -12.56 13.68
C ASN C 2 -3.10 -12.43 12.19
N THR C 3 -2.13 -12.01 11.40
CA THR C 3 -2.35 -11.83 9.99
C THR C 3 -2.65 -13.13 9.21
N PRO C 4 -3.47 -13.04 8.16
CA PRO C 4 -3.83 -14.18 7.32
C PRO C 4 -2.60 -14.64 6.53
N ASP C 5 -2.52 -15.92 6.20
CA ASP C 5 -1.40 -16.45 5.44
C ASP C 5 -1.43 -15.99 3.99
N ARG C 6 -2.61 -16.06 3.39
CA ARG C 6 -2.79 -15.71 1.98
C ARG C 6 -3.19 -14.26 1.73
N LEU C 7 -2.63 -13.69 0.65
CA LEU C 7 -2.88 -12.31 0.24
C LEU C 7 -4.37 -12.03 0.00
N GLN C 8 -4.88 -11.00 0.65
CA GLN C 8 -6.29 -10.61 0.51
C GLN C 8 -6.44 -9.41 -0.41
N GLN C 9 -7.66 -9.20 -0.91
CA GLN C 9 -7.96 -8.08 -1.79
C GLN C 9 -9.39 -7.63 -1.50
N ALA C 10 -9.69 -6.38 -1.87
CA ALA C 10 -11.02 -5.83 -1.68
C ALA C 10 -11.21 -4.62 -2.57
N SER C 11 -12.39 -4.52 -3.19
CA SER C 11 -12.68 -3.37 -4.02
C SER C 11 -13.42 -2.41 -3.08
N LEU C 12 -13.19 -1.11 -3.26
CA LEU C 12 -13.83 -0.11 -2.42
C LEU C 12 -13.86 1.21 -3.17
N PRO C 13 -14.84 2.08 -2.86
CA PRO C 13 -14.96 3.37 -3.53
C PRO C 13 -14.14 4.49 -2.88
N LEU C 14 -13.70 5.43 -3.72
CA LEU C 14 -12.96 6.59 -3.24
C LEU C 14 -13.99 7.61 -2.76
N LEU C 15 -13.63 8.41 -1.76
CA LEU C 15 -14.49 9.46 -1.25
C LEU C 15 -13.78 10.79 -1.49
N SER C 16 -14.53 11.89 -1.38
CA SER C 16 -13.91 13.21 -1.51
C SER C 16 -13.42 13.56 -0.11
N ASN C 17 -12.43 14.43 0.00
CA ASN C 17 -11.92 14.83 1.30
C ASN C 17 -12.99 15.59 2.11
N THR C 18 -13.88 16.29 1.43
CA THR C 18 -14.95 17.03 2.10
C THR C 18 -15.89 16.07 2.83
N ASN C 19 -16.29 14.99 2.16
CA ASN C 19 -17.18 14.01 2.77
C ASN C 19 -16.42 13.20 3.82
N CYS C 20 -15.15 12.94 3.57
CA CYS C 20 -14.35 12.17 4.52
C CYS C 20 -14.22 12.93 5.84
N LYS C 21 -14.23 14.26 5.74
CA LYS C 21 -14.13 15.11 6.92
C LYS C 21 -15.32 14.98 7.87
N LYS C 22 -16.44 14.46 7.39
CA LYS C 22 -17.63 14.27 8.23
C LYS C 22 -17.31 13.18 9.26
N TYR C 23 -16.37 12.32 8.92
CA TYR C 23 -15.96 11.22 9.78
C TYR C 23 -14.74 11.57 10.61
N TRP C 24 -13.73 12.11 9.93
CA TRP C 24 -12.45 12.40 10.56
C TRP C 24 -12.09 13.84 10.90
N GLY C 25 -12.93 14.80 10.53
CA GLY C 25 -12.65 16.18 10.85
C GLY C 25 -11.37 16.73 10.27
N THR C 26 -10.70 17.59 11.04
CA THR C 26 -9.46 18.23 10.59
C THR C 26 -8.23 17.34 10.46
N LYS C 27 -8.37 16.07 10.79
CA LYS C 27 -7.25 15.14 10.68
C LYS C 27 -6.95 14.84 9.22
N ILE C 28 -7.94 15.06 8.35
CA ILE C 28 -7.77 14.81 6.93
C ILE C 28 -7.06 15.99 6.28
N LYS C 29 -5.88 15.74 5.74
CA LYS C 29 -5.08 16.78 5.08
C LYS C 29 -5.11 16.58 3.57
N ASP C 30 -4.64 17.59 2.84
CA ASP C 30 -4.62 17.55 1.37
C ASP C 30 -3.84 16.38 0.79
N ALA C 31 -2.82 15.91 1.49
CA ALA C 31 -2.00 14.78 1.02
C ALA C 31 -2.60 13.44 1.44
N MET C 32 -3.88 13.46 1.81
CA MET C 32 -4.57 12.24 2.21
C MET C 32 -5.77 12.02 1.28
N ILE C 33 -6.15 10.77 1.12
CA ILE C 33 -7.31 10.41 0.32
C ILE C 33 -8.00 9.27 1.06
N CYS C 34 -9.32 9.36 1.18
CA CYS C 34 -10.10 8.34 1.88
C CYS C 34 -10.79 7.40 0.90
N ALA C 35 -11.03 6.19 1.38
CA ALA C 35 -11.71 5.16 0.59
C ALA C 35 -12.33 4.16 1.55
N GLY C 36 -13.45 3.55 1.15
CA GLY C 36 -14.07 2.58 2.02
C GLY C 36 -15.43 2.98 2.54
N ALA C 37 -15.71 2.65 3.80
CA ALA C 37 -17.00 2.91 4.44
C ALA C 37 -18.06 2.20 3.60
N SER C 38 -17.64 1.10 3.00
CA SER C 38 -18.49 0.32 2.09
C SER C 38 -18.71 -1.13 2.48
N GLY C 39 -18.33 -1.52 3.68
CA GLY C 39 -18.49 -2.91 4.08
C GLY C 39 -17.14 -3.62 4.16
N VAL C 40 -16.06 -2.94 3.76
CA VAL C 40 -14.73 -3.50 3.83
C VAL C 40 -13.81 -2.46 4.48
N SER C 41 -12.62 -2.88 4.89
CA SER C 41 -11.69 -1.95 5.50
C SER C 41 -10.24 -2.45 5.54
N SER C 42 -9.30 -1.55 5.30
CA SER C 42 -7.90 -1.92 5.42
C SER C 42 -7.74 -2.04 6.93
N CYS C 43 -6.67 -2.66 7.41
CA CYS C 43 -6.52 -2.82 8.85
C CYS C 43 -5.04 -2.95 9.20
N MET C 44 -4.72 -3.09 10.49
CA MET C 44 -3.32 -3.21 10.92
C MET C 44 -2.60 -4.27 10.10
N GLY C 45 -1.41 -3.93 9.60
CA GLY C 45 -0.64 -4.86 8.79
C GLY C 45 -0.77 -4.56 7.30
N ASP C 46 -1.82 -3.84 6.90
CA ASP C 46 -2.00 -3.46 5.51
C ASP C 46 -1.21 -2.17 5.23
N SER C 47 -0.85 -1.43 6.27
CA SER C 47 -0.08 -0.18 6.13
C SER C 47 1.04 -0.29 5.14
N GLY C 48 1.19 0.73 4.30
CA GLY C 48 2.26 0.72 3.32
C GLY C 48 1.89 0.09 1.98
N GLY C 49 0.82 -0.73 2.02
CA GLY C 49 0.34 -1.41 0.83
C GLY C 49 -0.35 -0.49 -0.16
N PRO C 50 -0.71 -1.01 -1.33
CA PRO C 50 -1.37 -0.20 -2.36
C PRO C 50 -2.90 -0.06 -2.41
N LEU C 51 -3.35 1.09 -2.90
CA LEU C 51 -4.75 1.29 -3.22
C LEU C 51 -4.57 1.65 -4.70
N VAL C 52 -4.98 0.74 -5.58
CA VAL C 52 -4.83 0.96 -7.02
C VAL C 52 -6.16 1.15 -7.76
N CYS C 53 -6.15 2.01 -8.78
CA CYS C 53 -7.33 2.27 -9.59
C CYS C 53 -6.92 2.04 -11.04
N LYS C 54 -7.83 1.49 -11.84
CA LYS C 54 -7.54 1.21 -13.24
C LYS C 54 -7.76 2.46 -14.09
N LYS C 55 -6.70 2.93 -14.74
CA LYS C 55 -6.78 4.10 -15.60
C LYS C 55 -6.19 3.74 -16.97
N ASN C 56 -7.00 3.87 -18.02
CA ASN C 56 -6.55 3.55 -19.38
C ASN C 56 -6.00 2.13 -19.49
N GLY C 57 -6.66 1.20 -18.79
CA GLY C 57 -6.26 -0.20 -18.84
C GLY C 57 -5.10 -0.65 -17.96
N ALA C 58 -4.53 0.26 -17.20
CA ALA C 58 -3.41 -0.09 -16.34
C ALA C 58 -3.67 0.28 -14.89
N TRP C 59 -3.23 -0.59 -13.97
CA TRP C 59 -3.40 -0.32 -12.55
C TRP C 59 -2.42 0.75 -12.11
N THR C 60 -2.97 1.80 -11.52
CA THR C 60 -2.18 2.96 -11.07
C THR C 60 -2.27 3.13 -9.55
N LEU C 61 -1.13 3.39 -8.94
CA LEU C 61 -1.04 3.58 -7.49
C LEU C 61 -1.63 4.93 -7.13
N VAL C 62 -2.80 4.92 -6.52
CA VAL C 62 -3.50 6.15 -6.13
C VAL C 62 -3.31 6.47 -4.64
N GLY C 63 -3.16 5.43 -3.84
CA GLY C 63 -2.96 5.62 -2.42
C GLY C 63 -2.08 4.57 -1.78
N ILE C 64 -1.58 4.91 -0.60
CA ILE C 64 -0.74 4.03 0.20
C ILE C 64 -1.49 3.87 1.53
N VAL C 65 -1.79 2.65 1.94
CA VAL C 65 -2.52 2.43 3.19
C VAL C 65 -1.79 3.14 4.33
N SER C 66 -2.52 4.01 5.03
CA SER C 66 -1.93 4.79 6.10
C SER C 66 -2.53 4.57 7.48
N TRP C 67 -3.76 5.04 7.68
CA TRP C 67 -4.43 4.90 8.98
C TRP C 67 -5.96 4.89 8.84
N GLY C 68 -6.66 4.73 9.96
CA GLY C 68 -8.11 4.71 9.94
C GLY C 68 -8.68 4.38 11.30
N SER C 69 -9.79 3.65 11.33
CA SER C 69 -10.44 3.26 12.57
C SER C 69 -9.54 2.28 13.35
N SER C 70 -9.41 2.47 14.66
CA SER C 70 -8.60 1.60 15.50
C SER C 70 -9.18 0.18 15.54
N THR C 71 -10.46 0.04 15.21
CA THR C 71 -11.12 -1.26 15.21
C THR C 71 -11.42 -1.73 13.79
N CYS C 72 -10.88 -1.01 12.81
CA CYS C 72 -11.09 -1.34 11.40
C CYS C 72 -12.56 -1.48 11.03
N SER C 73 -13.38 -0.54 11.51
CA SER C 73 -14.81 -0.55 11.25
C SER C 73 -15.05 -0.48 9.74
N THR C 74 -15.93 -1.32 9.24
CA THR C 74 -16.21 -1.33 7.82
C THR C 74 -17.19 -0.24 7.35
N SER C 75 -17.67 0.57 8.29
CA SER C 75 -18.58 1.65 7.95
C SER C 75 -17.90 3.01 8.13
N THR C 76 -16.59 2.97 8.28
CA THR C 76 -15.79 4.17 8.43
C THR C 76 -14.72 4.13 7.33
N PRO C 77 -14.46 5.27 6.67
CA PRO C 77 -13.45 5.25 5.61
C PRO C 77 -12.02 5.16 6.10
N GLY C 78 -11.21 4.41 5.35
CA GLY C 78 -9.81 4.28 5.69
C GLY C 78 -9.14 5.49 5.07
N VAL C 79 -7.96 5.83 5.57
CA VAL C 79 -7.23 6.98 5.06
C VAL C 79 -5.92 6.49 4.46
N TYR C 80 -5.67 6.95 3.24
CA TYR C 80 -4.49 6.58 2.47
C TYR C 80 -3.68 7.81 2.07
N ALA C 81 -2.37 7.63 1.91
CA ALA C 81 -1.51 8.72 1.46
C ALA C 81 -1.89 8.97 -0.01
N ARG C 82 -2.19 10.21 -0.36
CA ARG C 82 -2.56 10.56 -1.75
C ARG C 82 -1.31 10.65 -2.62
N VAL C 83 -1.14 9.66 -3.50
CA VAL C 83 0.04 9.60 -4.38
C VAL C 83 0.25 10.76 -5.36
N THR C 84 -0.84 11.30 -5.92
CA THR C 84 -0.71 12.43 -6.85
C THR C 84 -0.01 13.62 -6.19
N ALA C 85 -0.18 13.76 -4.88
CA ALA C 85 0.43 14.85 -4.12
C ALA C 85 1.88 14.55 -3.72
N LEU C 86 2.29 13.30 -3.88
CA LEU C 86 3.63 12.87 -3.50
C LEU C 86 4.50 12.37 -4.64
N VAL C 87 3.93 12.24 -5.83
CA VAL C 87 4.67 11.72 -6.95
C VAL C 87 5.85 12.58 -7.44
N ASN C 88 5.75 13.89 -7.30
CA ASN C 88 6.86 14.76 -7.72
C ASN C 88 8.08 14.47 -6.85
N TRP C 89 7.87 14.22 -5.57
CA TRP C 89 8.98 13.89 -4.68
C TRP C 89 9.55 12.52 -5.10
N VAL C 90 8.66 11.58 -5.41
CA VAL C 90 9.12 10.25 -5.82
C VAL C 90 10.03 10.37 -7.04
N GLN C 91 9.60 11.14 -8.04
CA GLN C 91 10.40 11.28 -9.23
C GLN C 91 11.71 12.03 -9.00
N GLN C 92 11.72 13.02 -8.13
CA GLN C 92 12.98 13.75 -7.85
C GLN C 92 13.95 12.79 -7.12
N THR C 93 13.41 11.98 -6.23
CA THR C 93 14.24 11.03 -5.47
C THR C 93 14.87 9.98 -6.38
N LEU C 94 14.09 9.44 -7.31
CA LEU C 94 14.58 8.45 -8.25
C LEU C 94 15.61 9.02 -9.22
N ALA C 95 15.42 10.27 -9.61
CA ALA C 95 16.32 10.94 -10.54
C ALA C 95 17.69 11.27 -9.95
N ALA C 96 17.71 11.52 -8.64
CA ALA C 96 18.96 11.90 -7.97
C ALA C 96 19.68 10.78 -7.24
N ASN C 97 19.14 9.57 -7.30
CA ASN C 97 19.77 8.42 -6.62
C ASN C 97 19.80 7.21 -7.53
N THR D 1 -13.33 5.32 16.83
CA THR D 1 -12.00 5.82 17.20
C THR D 1 -10.90 5.55 16.10
N PRO D 2 -10.03 6.60 15.87
N PRO D 2 -2.55 0.30 15.83
CA PRO D 2 -8.93 6.59 14.91
CA PRO D 2 -3.66 1.23 15.96
C PRO D 2 -7.75 5.60 15.26
C PRO D 2 -3.30 2.63 15.50
N GLY D 3 -6.90 5.31 14.29
N GLY D 3 -4.30 3.39 15.07
CA GLY D 3 -5.78 4.42 14.55
CA GLY D 3 -4.02 4.72 14.59
C GLY D 3 -4.89 4.12 13.36
C GLY D 3 -3.48 4.49 13.21
N VAL D 4 -3.57 4.02 13.59
N VAL D 4 -2.27 3.96 13.12
CA VAL D 4 -2.58 3.75 12.55
CA VAL D 4 -1.72 3.65 11.84
C VAL D 4 -2.62 2.29 12.02
C VAL D 4 -1.94 2.15 11.53
N TYR D 5 -2.46 2.16 10.69
N TYR D 5 -2.27 1.88 10.27
CA TYR D 5 -2.52 0.84 9.97
CA TYR D 5 -2.55 0.54 9.77
C TYR D 5 -1.26 0.19 9.49
C TYR D 5 -1.32 -0.03 9.11
S SO4 E . 14.04 14.50 0.52
O1 SO4 E . 12.79 14.38 1.19
O2 SO4 E . 13.91 15.45 -0.53
O3 SO4 E . 15.02 14.98 1.42
O4 SO4 E . 14.44 13.23 -0.02
#